data_4LHK
#
_entry.id   4LHK
#
_cell.length_a   38.618
_cell.length_b   85.476
_cell.length_c   68.240
_cell.angle_alpha   90.00
_cell.angle_beta   93.72
_cell.angle_gamma   90.00
#
_symmetry.space_group_name_H-M   'P 1 21 1'
#
loop_
_entity.id
_entity.type
_entity.pdbx_description
1 polymer Flocculin
2 branched alpha-D-mannopyranose-(1-2)-alpha-D-mannopyranose
3 non-polymer 'CALCIUM ION'
4 water water
#
_entity_poly.entity_id   1
_entity_poly.type   'polypeptide(L)'
_entity_poly.pdbx_seq_one_letter_code
;SGSTQACLPVGSRKNGMNVNFYKYSLQDSTTYSDPQYMAYKYSDTKKLGSVSGQTHLSIYYDLNTAFWNTASWSSDLFGF
YTTPTNVTVEMTGYFLPPQTGSYTFKFATVDDSAILSVGGSIAFECCAQEQPPITSTDFTINGIKPWGAAAPTDIKGSTY
MYAGYYYPIKIVYSNAKALARLPVSVVLPDGTEVNDDFEGYVYSFDDDLSQSNCTIPDPSKHTTSLEVLFQGPHHHHHH
;
_entity_poly.pdbx_strand_id   A,B
#
loop_
_chem_comp.id
_chem_comp.type
_chem_comp.name
_chem_comp.formula
CA non-polymer 'CALCIUM ION' 'Ca 2'
MAN D-saccharide, alpha linking alpha-D-mannopyranose 'C6 H12 O6'
#
# COMPACT_ATOMS: atom_id res chain seq x y z
N THR A 4 22.41 -8.11 10.50
CA THR A 4 21.15 -7.86 11.25
C THR A 4 21.50 -7.86 12.71
N GLN A 5 20.89 -6.91 13.42
CA GLN A 5 21.12 -6.72 14.86
C GLN A 5 20.34 -7.74 15.70
N ALA A 6 21.00 -8.34 16.66
CA ALA A 6 20.31 -9.33 17.51
C ALA A 6 20.53 -8.95 18.97
N CYS A 7 20.02 -9.77 19.86
CA CYS A 7 19.88 -9.50 21.26
C CYS A 7 20.29 -10.70 22.10
N LEU A 8 20.71 -10.45 23.34
CA LEU A 8 20.87 -11.48 24.36
C LEU A 8 20.25 -11.08 25.70
N PRO A 9 18.94 -11.17 25.78
CA PRO A 9 18.24 -10.89 27.00
C PRO A 9 18.62 -11.88 28.08
N VAL A 10 18.79 -11.43 29.32
CA VAL A 10 19.10 -12.44 30.39
C VAL A 10 18.00 -12.70 31.38
N GLY A 11 16.81 -12.16 31.15
CA GLY A 11 15.72 -12.52 32.07
C GLY A 11 15.14 -13.90 31.85
N SER A 12 14.07 -14.15 32.57
CA SER A 12 13.36 -15.41 32.42
C SER A 12 12.68 -15.45 31.07
N ARG A 13 12.91 -16.49 30.31
CA ARG A 13 12.37 -16.58 28.98
C ARG A 13 10.91 -17.00 29.07
N LYS A 14 10.10 -16.44 28.17
CA LYS A 14 8.71 -16.82 28.02
C LYS A 14 8.49 -17.46 26.67
N ASN A 15 7.50 -18.34 26.60
CA ASN A 15 7.27 -19.17 25.43
C ASN A 15 6.42 -18.38 24.44
N GLY A 16 6.75 -18.41 23.16
CA GLY A 16 5.88 -17.84 22.14
C GLY A 16 5.92 -16.31 22.10
N MET A 17 4.98 -15.77 21.34
CA MET A 17 4.93 -14.34 21.07
C MET A 17 3.70 -13.69 21.66
N ASN A 18 3.89 -12.43 22.04
CA ASN A 18 2.83 -11.59 22.51
C ASN A 18 2.02 -11.11 21.35
N VAL A 19 0.66 -11.04 21.52
CA VAL A 19 -0.20 -10.52 20.48
C VAL A 19 -1.09 -9.40 21.06
N ASN A 20 -0.96 -8.20 20.48
CA ASN A 20 -1.77 -7.09 20.84
C ASN A 20 -2.82 -6.85 19.72
N PHE A 21 -4.01 -6.45 20.12
CA PHE A 21 -5.12 -6.12 19.23
C PHE A 21 -5.45 -4.61 19.27
N TYR A 22 -5.64 -4.04 18.09
CA TYR A 22 -6.02 -2.61 17.90
C TYR A 22 -7.22 -2.48 16.95
N LYS A 23 -8.01 -1.44 17.18
CA LYS A 23 -9.18 -1.13 16.34
C LYS A 23 -8.76 -0.90 14.89
N TYR A 24 -9.55 -1.42 13.97
CA TYR A 24 -9.43 -1.02 12.58
C TYR A 24 -10.85 -0.78 12.11
N SER A 25 -11.07 0.32 11.35
CA SER A 25 -12.42 0.68 10.89
C SER A 25 -12.93 -0.23 9.85
N LEU A 26 -14.09 -0.82 10.09
CA LEU A 26 -14.75 -1.65 9.08
C LEU A 26 -14.84 -0.92 7.72
N GLN A 27 -14.40 -1.63 6.68
CA GLN A 27 -14.50 -1.26 5.30
C GLN A 27 -13.60 -0.07 4.92
N ASP A 28 -12.64 0.29 5.76
CA ASP A 28 -11.66 1.31 5.45
C ASP A 28 -10.67 0.68 4.44
N SER A 29 -10.72 1.17 3.19
CA SER A 29 -9.95 0.61 2.10
C SER A 29 -8.64 1.36 1.83
N THR A 30 -8.28 2.24 2.74
CA THR A 30 -7.03 3.04 2.62
C THR A 30 -5.99 2.72 3.66
N THR A 31 -6.39 2.73 4.92
CA THR A 31 -5.41 2.70 6.00
C THR A 31 -4.55 1.40 5.98
N TYR A 32 -5.17 0.27 5.75
CA TYR A 32 -4.43 -1.03 5.81
C TYR A 32 -3.20 -1.07 4.85
N SER A 33 -3.21 -0.28 3.78
CA SER A 33 -2.13 -0.20 2.80
C SER A 33 -1.15 0.96 2.98
N ASP A 34 -1.33 1.76 4.03
CA ASP A 34 -0.39 2.81 4.33
C ASP A 34 0.82 2.21 5.06
N PRO A 35 2.04 2.40 4.52
CA PRO A 35 3.25 1.84 5.16
C PRO A 35 3.48 2.35 6.59
N GLN A 36 3.13 3.60 6.87
CA GLN A 36 3.30 4.13 8.22
C GLN A 36 2.29 3.53 9.20
N TYR A 37 1.12 3.22 8.73
CA TYR A 37 0.12 2.57 9.54
C TYR A 37 0.55 1.17 9.94
N MET A 38 0.99 0.36 8.99
CA MET A 38 1.42 -0.99 9.28
C MET A 38 2.66 -1.04 10.18
N ALA A 39 3.61 -0.14 9.93
CA ALA A 39 4.79 -0.03 10.79
C ALA A 39 4.57 0.44 12.22
N TYR A 40 3.79 1.53 12.41
CA TYR A 40 3.59 2.08 13.76
C TYR A 40 2.27 2.76 14.11
N LYS A 41 1.55 3.30 13.15
CA LYS A 41 0.41 4.15 13.49
C LYS A 41 -0.74 3.35 14.05
N TYR A 42 -0.79 2.04 13.74
CA TYR A 42 -1.82 1.18 14.31
C TYR A 42 -1.92 1.37 15.84
N SER A 43 -0.80 1.78 16.46
CA SER A 43 -0.80 1.93 17.93
C SER A 43 -1.22 3.31 18.40
N ASP A 44 -1.64 4.17 17.48
CA ASP A 44 -2.26 5.52 17.79
C ASP A 44 -3.63 5.38 18.44
N THR A 45 -4.30 4.22 18.31
CA THR A 45 -5.47 3.95 19.15
C THR A 45 -5.19 3.09 20.38
N LYS A 46 -6.08 3.17 21.36
CA LYS A 46 -6.02 2.37 22.60
C LYS A 46 -6.05 0.90 22.22
N LYS A 47 -5.18 0.13 22.83
CA LYS A 47 -5.14 -1.31 22.59
C LYS A 47 -6.48 -1.92 23.01
N LEU A 48 -7.01 -2.86 22.24
CA LEU A 48 -8.26 -3.51 22.63
C LEU A 48 -7.93 -4.52 23.69
N GLY A 49 -6.75 -5.11 23.60
CA GLY A 49 -6.34 -6.12 24.60
C GLY A 49 -5.19 -6.92 24.05
N SER A 50 -4.83 -7.97 24.75
CA SER A 50 -3.69 -8.77 24.34
C SER A 50 -3.77 -10.16 24.86
N VAL A 51 -3.00 -11.04 24.22
CA VAL A 51 -2.76 -12.39 24.69
C VAL A 51 -1.30 -12.70 24.56
N SER A 52 -0.84 -13.65 25.36
CA SER A 52 0.56 -14.00 25.28
C SER A 52 0.75 -15.48 25.10
N GLY A 53 2.00 -15.85 24.89
CA GLY A 53 2.32 -17.27 24.80
C GLY A 53 1.93 -17.98 23.51
N GLN A 54 1.82 -17.23 22.40
CA GLN A 54 1.29 -17.79 21.20
C GLN A 54 2.38 -18.38 20.35
N THR A 55 2.23 -19.65 19.96
CA THR A 55 3.19 -20.26 19.06
C THR A 55 2.61 -20.57 17.69
N HIS A 56 1.27 -20.62 17.58
CA HIS A 56 0.66 -20.89 16.29
C HIS A 56 0.39 -19.54 15.65
N LEU A 57 1.17 -19.17 14.65
CA LEU A 57 1.17 -17.76 14.20
C LEU A 57 0.19 -17.43 13.08
N SER A 58 -0.30 -18.45 12.40
CA SER A 58 -1.07 -18.27 11.18
C SER A 58 -2.50 -17.91 11.56
N ILE A 59 -3.04 -16.99 10.79
CA ILE A 59 -4.36 -16.42 11.00
C ILE A 59 -5.38 -16.93 9.97
N TYR A 60 -6.56 -17.29 10.44
CA TYR A 60 -7.68 -17.61 9.59
C TYR A 60 -8.97 -17.27 10.38
N TYR A 61 -9.76 -16.36 9.81
CA TYR A 61 -11.11 -16.14 10.32
C TYR A 61 -12.01 -16.12 9.09
N ASP A 62 -13.14 -16.82 9.17
CA ASP A 62 -14.13 -16.86 8.09
C ASP A 62 -15.51 -16.60 8.65
N LEU A 63 -16.40 -16.15 7.80
CA LEU A 63 -17.80 -15.99 8.17
C LEU A 63 -18.61 -16.06 6.90
N ASN A 64 -19.92 -16.20 7.11
CA ASN A 64 -20.90 -16.34 6.05
C ASN A 64 -20.85 -15.16 5.08
N THR A 65 -20.86 -15.46 3.78
CA THR A 65 -20.83 -14.40 2.76
C THR A 65 -21.95 -13.36 2.93
N ALA A 66 -23.07 -13.76 3.53
CA ALA A 66 -24.20 -12.85 3.77
C ALA A 66 -23.82 -11.80 4.79
N PHE A 67 -22.73 -12.05 5.51
CA PHE A 67 -22.28 -11.10 6.54
C PHE A 67 -21.04 -10.28 6.19
N TRP A 68 -20.48 -10.43 4.99
CA TRP A 68 -19.20 -9.81 4.68
C TRP A 68 -19.11 -8.29 4.72
N ASN A 69 -20.23 -7.57 4.63
CA ASN A 69 -20.22 -6.09 4.76
C ASN A 69 -20.43 -5.66 6.20
N THR A 70 -20.32 -6.59 7.14
CA THR A 70 -20.66 -6.29 8.52
C THR A 70 -19.59 -6.73 9.55
N ALA A 71 -19.53 -6.05 10.69
CA ALA A 71 -18.72 -6.47 11.80
C ALA A 71 -19.32 -7.69 12.47
N SER A 72 -18.44 -8.52 13.07
CA SER A 72 -18.89 -9.74 13.76
C SER A 72 -17.94 -10.04 14.90
N TRP A 73 -18.51 -10.30 16.09
CA TRP A 73 -17.75 -10.72 17.30
C TRP A 73 -17.38 -12.17 17.23
N SER A 74 -16.15 -12.48 17.58
CA SER A 74 -15.68 -13.87 17.59
C SER A 74 -14.35 -13.91 18.34
N SER A 75 -14.06 -15.09 18.88
CA SER A 75 -12.78 -15.37 19.53
C SER A 75 -11.79 -16.11 18.65
N ASP A 76 -12.07 -16.19 17.35
CA ASP A 76 -11.28 -17.00 16.42
C ASP A 76 -9.80 -16.62 16.26
N LEU A 77 -9.47 -15.35 16.54
CA LEU A 77 -8.09 -14.87 16.49
C LEU A 77 -7.41 -15.02 17.87
N PHE A 78 -6.60 -16.07 18.01
CA PHE A 78 -5.77 -16.25 19.16
C PHE A 78 -6.59 -16.36 20.44
N GLY A 79 -7.87 -16.69 20.35
CA GLY A 79 -8.68 -16.88 21.55
C GLY A 79 -9.17 -15.60 22.15
N PHE A 80 -8.99 -14.47 21.43
CA PHE A 80 -9.26 -13.18 21.98
C PHE A 80 -10.56 -12.69 21.35
N TYR A 81 -11.51 -12.33 22.21
CA TYR A 81 -12.82 -11.94 21.79
C TYR A 81 -12.78 -10.48 21.28
N THR A 82 -13.02 -10.31 19.99
CA THR A 82 -12.96 -9.05 19.31
C THR A 82 -13.85 -9.16 18.08
N THR A 83 -13.70 -8.20 17.18
CA THR A 83 -14.40 -8.20 15.92
C THR A 83 -13.33 -8.50 14.86
N PRO A 84 -13.15 -9.79 14.52
CA PRO A 84 -12.00 -10.08 13.70
C PRO A 84 -12.18 -9.73 12.23
N THR A 85 -13.40 -9.36 11.89
CA THR A 85 -13.75 -8.76 10.59
C THR A 85 -12.99 -7.46 10.36
N ASN A 86 -12.58 -6.79 11.44
CA ASN A 86 -11.99 -5.47 11.34
C ASN A 86 -11.14 -5.17 12.57
N VAL A 87 -9.85 -5.41 12.38
CA VAL A 87 -8.91 -5.44 13.49
C VAL A 87 -7.49 -5.42 12.96
N THR A 88 -6.60 -4.85 13.76
CA THR A 88 -5.17 -4.94 13.53
C THR A 88 -4.53 -5.68 14.70
N VAL A 89 -3.62 -6.58 14.35
CA VAL A 89 -2.91 -7.49 15.26
C VAL A 89 -1.41 -7.23 15.14
N GLU A 90 -0.74 -7.06 16.29
CA GLU A 90 0.66 -6.96 16.38
C GLU A 90 1.18 -8.13 17.19
N MET A 91 2.01 -8.93 16.53
CA MET A 91 2.68 -10.08 17.14
C MET A 91 4.15 -9.72 17.31
N THR A 92 4.65 -9.88 18.52
CA THR A 92 6.06 -9.62 18.76
C THR A 92 6.70 -10.75 19.51
N GLY A 93 7.98 -10.93 19.26
CA GLY A 93 8.76 -11.84 20.07
C GLY A 93 10.17 -11.86 19.53
N TYR A 94 10.88 -12.88 19.96
CA TYR A 94 12.24 -13.10 19.49
C TYR A 94 12.37 -14.45 18.81
N PHE A 95 12.99 -14.46 17.66
CA PHE A 95 13.28 -15.66 16.92
C PHE A 95 14.69 -16.17 17.27
N LEU A 96 14.77 -17.46 17.59
CA LEU A 96 16.03 -18.10 18.01
C LEU A 96 16.46 -19.07 16.91
N PRO A 97 17.40 -18.63 16.07
CA PRO A 97 17.85 -19.54 15.02
C PRO A 97 18.62 -20.73 15.57
N PRO A 98 18.25 -21.94 15.18
CA PRO A 98 19.01 -23.09 15.62
C PRO A 98 20.34 -23.22 14.89
N GLN A 99 20.49 -22.59 13.73
CA GLN A 99 21.70 -22.72 12.93
C GLN A 99 22.01 -21.44 12.22
N THR A 100 23.28 -21.26 11.89
CA THR A 100 23.69 -20.05 11.20
C THR A 100 23.37 -20.24 9.73
N GLY A 101 22.75 -19.24 9.13
CA GLY A 101 22.40 -19.31 7.72
C GLY A 101 21.32 -18.36 7.33
N SER A 102 20.86 -18.52 6.09
CA SER A 102 19.75 -17.75 5.56
C SER A 102 18.39 -18.43 5.85
N TYR A 103 17.49 -17.61 6.37
CA TYR A 103 16.13 -18.00 6.75
C TYR A 103 15.20 -17.28 5.84
N THR A 104 14.28 -18.03 5.23
CA THR A 104 13.30 -17.50 4.27
C THR A 104 11.89 -17.57 4.91
N PHE A 105 11.46 -16.42 5.40
CA PHE A 105 10.11 -16.23 5.88
C PHE A 105 9.11 -16.05 4.76
N LYS A 106 7.89 -16.58 4.95
CA LYS A 106 6.88 -16.57 3.91
C LYS A 106 5.51 -16.40 4.42
N PHE A 107 4.75 -15.59 3.67
CA PHE A 107 3.31 -15.47 3.87
C PHE A 107 2.73 -16.08 2.65
N ALA A 108 2.00 -17.19 2.80
CA ALA A 108 1.49 -17.93 1.60
C ALA A 108 0.54 -17.08 0.77
N THR A 109 -0.23 -16.30 1.48
CA THR A 109 -0.95 -15.17 0.90
C THR A 109 -1.34 -14.23 2.08
N VAL A 110 -2.18 -13.25 1.79
CA VAL A 110 -2.61 -12.29 2.83
C VAL A 110 -3.98 -11.73 2.50
N ASP A 111 -4.74 -11.44 3.57
CA ASP A 111 -6.01 -10.78 3.44
C ASP A 111 -6.28 -10.16 4.80
N ASP A 112 -6.05 -8.87 5.01
CA ASP A 112 -5.88 -7.80 3.96
C ASP A 112 -4.45 -7.26 3.79
N SER A 113 -3.68 -7.13 4.88
CA SER A 113 -2.29 -6.75 4.78
C SER A 113 -1.51 -7.31 5.97
N ALA A 114 -0.20 -7.44 5.78
CA ALA A 114 0.68 -7.84 6.81
C ALA A 114 2.12 -7.45 6.42
N ILE A 115 2.89 -7.10 7.47
CA ILE A 115 4.29 -6.97 7.42
C ILE A 115 4.99 -7.89 8.39
N LEU A 116 6.23 -8.28 8.01
CA LEU A 116 7.17 -8.86 8.94
C LEU A 116 8.41 -8.00 8.97
N SER A 117 8.81 -7.59 10.15
CA SER A 117 10.08 -6.90 10.40
C SER A 117 10.98 -7.82 11.25
N VAL A 118 12.26 -7.82 10.95
CA VAL A 118 13.23 -8.60 11.69
C VAL A 118 14.46 -7.75 12.12
N GLY A 119 14.86 -7.87 13.36
CA GLY A 119 16.07 -7.24 13.83
C GLY A 119 15.90 -6.17 14.87
N GLY A 120 16.94 -6.05 15.70
CA GLY A 120 16.96 -4.99 16.69
C GLY A 120 16.95 -3.63 15.98
N SER A 121 16.16 -2.71 16.51
CA SER A 121 15.91 -1.40 15.88
C SER A 121 15.21 -1.41 14.57
N ILE A 122 14.68 -2.57 14.18
CA ILE A 122 13.83 -2.69 13.02
C ILE A 122 12.40 -3.21 13.42
N ALA A 123 12.34 -4.40 13.98
CA ALA A 123 11.12 -4.94 14.56
C ALA A 123 10.75 -4.19 15.88
N PHE A 124 11.74 -4.06 16.77
CA PHE A 124 11.69 -3.34 18.03
C PHE A 124 13.12 -3.28 18.63
N GLU A 125 13.27 -2.54 19.73
CA GLU A 125 14.56 -2.43 20.42
C GLU A 125 14.83 -3.59 21.37
N CYS A 126 16.04 -4.13 21.32
CA CYS A 126 16.43 -5.20 22.22
C CYS A 126 16.04 -4.97 23.68
N CYS A 127 15.43 -5.97 24.31
CA CYS A 127 15.01 -5.90 25.72
C CYS A 127 13.89 -4.90 25.99
N ALA A 128 13.23 -4.50 24.90
CA ALA A 128 12.12 -3.57 24.87
C ALA A 128 10.96 -4.07 23.97
N GLN A 129 10.69 -5.38 24.06
CA GLN A 129 9.63 -6.00 23.28
C GLN A 129 8.24 -5.37 23.45
N GLU A 130 7.97 -4.96 24.66
CA GLU A 130 6.61 -4.55 25.07
C GLU A 130 6.35 -3.04 24.84
N GLN A 131 7.28 -2.33 24.28
CA GLN A 131 7.18 -0.88 24.09
C GLN A 131 6.34 -0.51 22.90
N PRO A 132 5.91 0.76 22.82
CA PRO A 132 5.23 1.17 21.61
C PRO A 132 6.11 0.94 20.40
N PRO A 133 5.51 0.81 19.24
CA PRO A 133 6.29 0.48 18.09
C PRO A 133 7.24 1.56 17.67
N ILE A 134 8.35 1.13 17.11
CA ILE A 134 9.33 2.01 16.50
C ILE A 134 8.95 2.23 15.05
N THR A 135 9.65 3.09 14.35
CA THR A 135 9.06 3.64 13.14
C THR A 135 9.54 3.03 11.84
N SER A 136 10.45 2.09 11.96
CA SER A 136 11.05 1.49 10.79
C SER A 136 10.02 0.89 9.83
N THR A 137 10.13 1.28 8.56
CA THR A 137 9.39 0.62 7.46
C THR A 137 10.29 -0.29 6.62
N ASP A 138 11.43 -0.70 7.19
CA ASP A 138 12.36 -1.60 6.49
C ASP A 138 11.85 -3.02 6.65
N PHE A 139 10.75 -3.35 5.98
CA PHE A 139 10.12 -4.65 6.18
C PHE A 139 10.85 -5.74 5.49
N THR A 140 10.85 -6.93 6.08
CA THR A 140 11.33 -8.18 5.44
C THR A 140 10.28 -8.75 4.48
N ILE A 141 9.00 -8.69 4.84
CA ILE A 141 7.91 -9.01 3.97
C ILE A 141 6.86 -7.91 4.11
N ASN A 142 6.29 -7.51 2.97
CA ASN A 142 5.22 -6.51 2.90
C ASN A 142 4.18 -7.05 1.96
N GLY A 143 3.13 -7.66 2.52
CA GLY A 143 2.06 -8.22 1.77
C GLY A 143 0.78 -7.37 1.81
N ILE A 144 0.23 -7.06 0.65
CA ILE A 144 -0.95 -6.29 0.59
C ILE A 144 -1.94 -6.86 -0.41
N LYS A 145 -3.18 -7.10 0.04
CA LYS A 145 -4.23 -7.54 -0.86
C LYS A 145 -4.88 -6.31 -1.50
N PRO A 146 -4.86 -6.23 -2.84
CA PRO A 146 -5.55 -5.10 -3.50
C PRO A 146 -7.01 -5.18 -3.16
N TRP A 147 -7.65 -4.04 -3.06
CA TRP A 147 -9.03 -3.99 -2.66
C TRP A 147 -9.93 -4.67 -3.70
N GLY A 148 -10.58 -5.76 -3.29
CA GLY A 148 -11.46 -6.51 -4.13
C GLY A 148 -10.86 -7.40 -5.20
N ALA A 149 -9.55 -7.61 -5.17
CA ALA A 149 -8.88 -8.46 -6.13
C ALA A 149 -7.89 -9.38 -5.44
N ALA A 150 -7.42 -10.33 -6.23
CA ALA A 150 -6.54 -11.37 -5.74
C ALA A 150 -5.29 -10.82 -5.04
N ALA A 151 -4.98 -11.44 -3.92
CA ALA A 151 -3.78 -11.16 -3.18
C ALA A 151 -2.58 -11.87 -3.83
N PRO A 152 -1.38 -11.26 -3.75
CA PRO A 152 -0.13 -11.95 -4.12
C PRO A 152 0.05 -13.20 -3.26
N THR A 153 0.83 -14.14 -3.79
CA THR A 153 1.05 -15.41 -3.12
C THR A 153 2.54 -15.68 -2.96
N ASP A 154 2.86 -16.55 -2.00
CA ASP A 154 4.24 -16.92 -1.77
C ASP A 154 5.06 -15.66 -1.65
N ILE A 155 4.67 -14.81 -0.69
CA ILE A 155 5.36 -13.58 -0.46
C ILE A 155 6.50 -13.85 0.55
N LYS A 156 7.73 -13.75 0.07
CA LYS A 156 8.86 -14.28 0.79
C LYS A 156 9.87 -13.17 1.13
N GLY A 157 10.60 -13.40 2.19
CA GLY A 157 11.68 -12.53 2.54
C GLY A 157 12.74 -13.22 3.36
N SER A 158 14.00 -12.94 3.04
CA SER A 158 15.14 -13.63 3.71
C SER A 158 15.92 -12.74 4.67
N THR A 159 16.40 -13.34 5.75
CA THR A 159 17.24 -12.72 6.76
C THR A 159 18.40 -13.71 7.00
N TYR A 160 19.61 -13.19 7.11
CA TYR A 160 20.77 -14.00 7.56
C TYR A 160 20.94 -13.95 9.07
N MET A 161 20.93 -15.10 9.75
CA MET A 161 20.93 -15.12 11.21
C MET A 161 22.01 -16.04 11.69
N TYR A 162 22.65 -15.62 12.80
CA TYR A 162 23.59 -16.42 13.55
C TYR A 162 22.92 -17.21 14.69
N ALA A 163 23.22 -18.51 14.71
CA ALA A 163 22.78 -19.42 15.76
C ALA A 163 23.00 -18.88 17.15
N GLY A 164 21.98 -18.99 17.99
CA GLY A 164 22.09 -18.70 19.42
C GLY A 164 21.82 -17.28 19.91
N TYR A 165 21.63 -16.35 18.98
CA TYR A 165 21.18 -14.96 19.33
C TYR A 165 19.72 -14.90 19.11
N TYR A 166 19.06 -13.96 19.79
CA TYR A 166 17.66 -13.78 19.69
C TYR A 166 17.45 -12.59 18.78
N TYR A 167 16.66 -12.80 17.72
CA TYR A 167 16.31 -11.77 16.75
C TYR A 167 14.89 -11.29 16.97
N PRO A 168 14.76 -10.02 17.32
CA PRO A 168 13.43 -9.38 17.35
C PRO A 168 12.65 -9.64 16.06
N ILE A 169 11.40 -10.08 16.22
CA ILE A 169 10.52 -10.17 15.09
C ILE A 169 9.20 -9.48 15.43
N LYS A 170 8.58 -8.88 14.42
CA LYS A 170 7.27 -8.25 14.53
C LYS A 170 6.47 -8.56 13.28
N ILE A 171 5.26 -9.05 13.47
CA ILE A 171 4.27 -9.20 12.45
C ILE A 171 3.11 -8.25 12.80
N VAL A 172 2.77 -7.37 11.86
CA VAL A 172 1.56 -6.58 12.01
C VAL A 172 0.66 -7.00 10.86
N TYR A 173 -0.56 -7.32 11.25
CA TYR A 173 -1.56 -7.86 10.35
C TYR A 173 -2.87 -7.06 10.45
N SER A 174 -3.52 -6.75 9.33
CA SER A 174 -4.82 -6.07 9.36
C SER A 174 -5.87 -6.75 8.53
N ASN A 175 -7.09 -6.81 9.09
CA ASN A 175 -8.28 -7.21 8.38
C ASN A 175 -9.19 -6.02 8.32
N ALA A 176 -9.61 -5.67 7.11
CA ALA A 176 -10.44 -4.51 6.87
C ALA A 176 -11.90 -4.85 6.76
N LYS A 177 -12.17 -6.10 6.39
CA LYS A 177 -13.49 -6.65 6.32
C LYS A 177 -13.49 -8.15 6.03
N ALA A 178 -14.55 -8.83 6.46
CA ALA A 178 -14.81 -10.20 6.06
C ALA A 178 -13.64 -11.18 6.50
N LEU A 179 -13.09 -11.91 5.56
CA LEU A 179 -12.15 -13.01 5.83
C LEU A 179 -10.83 -12.43 6.29
N ALA A 180 -10.23 -13.10 7.25
CA ALA A 180 -8.82 -12.88 7.61
C ALA A 180 -7.95 -14.11 7.22
N ARG A 181 -6.84 -13.85 6.55
CA ARG A 181 -5.95 -14.91 6.13
C ARG A 181 -4.48 -14.45 6.26
N LEU A 182 -3.67 -15.26 6.94
CA LEU A 182 -2.19 -15.11 6.96
C LEU A 182 -1.50 -16.37 7.33
N PRO A 183 -1.13 -17.21 6.34
CA PRO A 183 -0.39 -18.38 6.68
C PRO A 183 1.08 -18.02 6.80
N VAL A 184 1.66 -18.31 7.95
CA VAL A 184 3.04 -17.96 8.23
C VAL A 184 3.95 -19.18 8.28
N SER A 185 5.05 -19.13 7.54
CA SER A 185 6.04 -20.21 7.60
C SER A 185 7.50 -19.67 7.51
N VAL A 186 8.50 -20.51 7.79
CA VAL A 186 9.88 -20.14 7.54
C VAL A 186 10.61 -21.42 7.06
N VAL A 187 11.52 -21.24 6.13
CA VAL A 187 12.44 -22.29 5.67
C VAL A 187 13.77 -22.03 6.33
N LEU A 188 14.22 -23.04 7.08
CA LEU A 188 15.50 -23.00 7.76
C LEU A 188 16.69 -23.22 6.77
N PRO A 189 17.93 -22.90 7.17
CA PRO A 189 19.13 -23.10 6.26
C PRO A 189 19.30 -24.53 5.76
N ASP A 190 18.83 -25.51 6.55
CA ASP A 190 18.86 -26.92 6.10
C ASP A 190 17.70 -27.29 5.19
N GLY A 191 16.80 -26.35 4.89
CA GLY A 191 15.63 -26.67 4.03
C GLY A 191 14.40 -27.12 4.80
N THR A 192 14.52 -27.32 6.13
CA THR A 192 13.40 -27.64 6.99
C THR A 192 12.39 -26.52 6.87
N GLU A 193 11.13 -26.88 6.64
CA GLU A 193 10.04 -25.87 6.68
C GLU A 193 9.37 -25.95 8.01
N VAL A 194 9.14 -24.77 8.61
CA VAL A 194 8.37 -24.65 9.83
C VAL A 194 7.09 -23.93 9.43
N ASN A 195 6.01 -24.66 9.49
CA ASN A 195 4.69 -24.15 9.03
C ASN A 195 3.75 -23.81 10.21
N ASP A 196 3.30 -22.54 10.33
CA ASP A 196 2.31 -22.10 11.35
C ASP A 196 2.77 -22.19 12.82
N ASP A 197 3.16 -23.39 13.31
CA ASP A 197 3.51 -23.56 14.73
C ASP A 197 4.99 -23.35 14.89
N PHE A 198 5.37 -22.25 15.54
CA PHE A 198 6.72 -21.87 15.74
C PHE A 198 7.28 -22.21 17.13
N GLU A 199 6.66 -23.14 17.83
CA GLU A 199 7.12 -23.56 19.15
C GLU A 199 8.59 -23.99 19.06
N GLY A 200 9.39 -23.49 20.02
CA GLY A 200 10.83 -23.68 20.08
C GLY A 200 11.70 -22.81 19.19
N TYR A 201 11.06 -21.94 18.41
CA TYR A 201 11.72 -20.94 17.59
C TYR A 201 11.42 -19.51 18.01
N VAL A 202 10.27 -19.25 18.62
CA VAL A 202 9.88 -17.92 19.09
C VAL A 202 9.58 -17.84 20.59
N TYR A 203 10.10 -16.75 21.20
CA TYR A 203 10.06 -16.53 22.59
C TYR A 203 9.79 -15.05 22.88
N SER A 204 9.47 -14.83 24.13
CA SER A 204 9.28 -13.46 24.63
C SER A 204 10.08 -13.25 25.89
N PHE A 205 10.41 -12.00 26.16
CA PHE A 205 11.04 -11.60 27.38
C PHE A 205 10.34 -10.35 27.86
N ASP A 206 10.05 -10.32 29.14
CA ASP A 206 9.55 -9.03 29.75
C ASP A 206 10.56 -7.88 29.58
N ASP A 207 10.10 -6.67 29.36
CA ASP A 207 11.01 -5.54 29.12
C ASP A 207 11.96 -5.38 30.32
N ASP A 208 13.20 -5.20 29.98
CA ASP A 208 14.24 -4.82 30.92
C ASP A 208 15.08 -3.77 30.29
N LEU A 209 14.64 -2.51 30.45
CA LEU A 209 15.34 -1.41 29.81
C LEU A 209 16.59 -0.99 30.56
N SER A 210 16.89 -1.66 31.67
CA SER A 210 18.12 -1.44 32.44
C SER A 210 19.26 -2.35 32.06
N GLN A 211 18.95 -3.41 31.32
CA GLN A 211 19.99 -4.38 30.98
C GLN A 211 21.04 -3.75 30.04
N SER A 212 22.31 -3.91 30.41
CA SER A 212 23.41 -3.23 29.72
C SER A 212 23.94 -3.87 28.43
N ASN A 213 23.95 -5.20 28.33
CA ASN A 213 24.69 -5.81 27.21
C ASN A 213 23.71 -6.55 26.30
N CYS A 214 22.50 -5.99 26.17
CA CYS A 214 21.36 -6.66 25.52
C CYS A 214 21.48 -6.65 23.99
N THR A 215 22.02 -5.61 23.41
CA THR A 215 22.12 -5.46 21.97
C THR A 215 23.45 -5.99 21.43
N ILE A 216 23.38 -6.81 20.38
CA ILE A 216 24.56 -7.31 19.64
C ILE A 216 24.52 -6.74 18.23
N PRO A 217 25.13 -5.55 17.99
CA PRO A 217 25.08 -4.90 16.67
C PRO A 217 25.54 -5.77 15.51
N ASP A 218 26.54 -6.60 15.78
CA ASP A 218 27.06 -7.44 14.74
C ASP A 218 27.32 -8.82 15.30
N PRO A 219 26.32 -9.67 15.22
CA PRO A 219 26.51 -11.04 15.72
C PRO A 219 27.63 -11.86 15.05
N SER A 220 28.13 -11.45 13.90
CA SER A 220 29.18 -12.26 13.21
C SER A 220 30.65 -12.26 13.74
N THR B 4 -10.23 17.06 -0.52
CA THR B 4 -10.79 18.08 0.43
C THR B 4 -9.86 19.26 0.64
N GLN B 5 -8.59 19.07 0.98
CA GLN B 5 -7.65 20.18 0.94
C GLN B 5 -7.45 20.66 -0.50
N ALA B 6 -7.57 21.97 -0.67
CA ALA B 6 -7.28 22.61 -1.98
C ALA B 6 -6.16 23.63 -1.93
N CYS B 7 -5.92 24.29 -3.04
CA CYS B 7 -4.77 25.06 -3.24
C CYS B 7 -5.15 26.30 -4.04
N LEU B 8 -4.30 27.31 -3.95
CA LEU B 8 -4.36 28.57 -4.74
C LEU B 8 -2.99 29.00 -5.23
N PRO B 9 -2.42 28.25 -6.20
CA PRO B 9 -1.20 28.67 -6.86
C PRO B 9 -1.43 29.95 -7.67
N VAL B 10 -0.52 30.91 -7.60
CA VAL B 10 -0.74 32.14 -8.34
C VAL B 10 0.42 32.45 -9.27
N GLY B 11 1.14 31.39 -9.62
CA GLY B 11 2.17 31.45 -10.65
C GLY B 11 1.61 31.44 -12.04
N SER B 12 2.49 31.37 -13.04
CA SER B 12 2.03 31.32 -14.41
C SER B 12 1.41 29.97 -14.59
N ARG B 13 0.15 29.97 -14.98
CA ARG B 13 -0.60 28.77 -15.16
C ARG B 13 -0.17 28.09 -16.47
N LYS B 14 0.01 26.78 -16.38
CA LYS B 14 0.22 25.90 -17.54
C LYS B 14 -1.04 25.10 -17.91
N ASN B 15 -1.21 24.84 -19.20
CA ASN B 15 -2.40 24.15 -19.66
C ASN B 15 -2.21 22.65 -19.50
N GLY B 16 -3.20 21.99 -19.01
CA GLY B 16 -3.23 20.54 -19.02
C GLY B 16 -2.40 19.89 -17.95
N MET B 17 -2.15 18.60 -18.15
CA MET B 17 -1.47 17.80 -17.14
C MET B 17 -0.10 17.34 -17.56
N ASN B 18 0.77 17.22 -16.59
CA ASN B 18 2.07 16.60 -16.84
C ASN B 18 1.91 15.11 -16.85
N VAL B 19 2.58 14.43 -17.80
CA VAL B 19 2.51 12.99 -17.86
C VAL B 19 3.93 12.46 -17.81
N ASN B 20 4.18 11.57 -16.82
CA ASN B 20 5.50 10.89 -16.69
C ASN B 20 5.29 9.43 -16.99
N PHE B 21 6.29 8.80 -17.59
CA PHE B 21 6.31 7.40 -17.90
C PHE B 21 7.36 6.66 -17.14
N TYR B 22 6.95 5.53 -16.58
CA TYR B 22 7.85 4.64 -15.81
C TYR B 22 7.75 3.17 -16.33
N LYS B 23 8.87 2.44 -16.26
CA LYS B 23 8.95 1.04 -16.68
C LYS B 23 8.00 0.21 -15.86
N TYR B 24 7.43 -0.77 -16.53
CA TYR B 24 6.66 -1.81 -15.87
C TYR B 24 7.07 -3.10 -16.58
N SER B 25 7.37 -4.12 -15.80
CA SER B 25 7.75 -5.43 -16.38
C SER B 25 6.64 -6.17 -17.12
N LEU B 26 6.91 -6.49 -18.39
CA LEU B 26 5.94 -7.20 -19.27
C LEU B 26 5.49 -8.49 -18.57
N GLN B 27 4.17 -8.67 -18.49
CA GLN B 27 3.48 -9.83 -17.87
C GLN B 27 3.67 -10.02 -16.39
N ASP B 28 4.10 -8.98 -15.69
CA ASP B 28 4.16 -9.04 -14.24
C ASP B 28 2.69 -8.97 -13.78
N SER B 29 2.15 -10.07 -13.25
CA SER B 29 0.73 -10.14 -12.90
C SER B 29 0.43 -9.75 -11.45
N THR B 30 1.40 -9.18 -10.74
CA THR B 30 1.18 -8.81 -9.34
C THR B 30 1.43 -7.32 -9.02
N THR B 31 2.46 -6.71 -9.60
CA THR B 31 2.86 -5.37 -9.18
C THR B 31 1.76 -4.34 -9.51
N TYR B 32 1.11 -4.53 -10.66
CA TYR B 32 0.16 -3.53 -11.20
C TYR B 32 -1.00 -3.24 -10.25
N SER B 33 -1.38 -4.21 -9.43
CA SER B 33 -2.52 -4.11 -8.54
C SER B 33 -2.13 -3.76 -7.13
N ASP B 34 -0.84 -3.63 -6.82
CA ASP B 34 -0.36 -3.28 -5.46
C ASP B 34 -0.66 -1.77 -5.20
N PRO B 35 -1.39 -1.47 -4.14
CA PRO B 35 -1.77 -0.05 -3.97
C PRO B 35 -0.60 0.87 -3.67
N GLN B 36 0.46 0.32 -3.07
CA GLN B 36 1.69 1.12 -2.83
C GLN B 36 2.45 1.37 -4.12
N TYR B 37 2.37 0.42 -5.02
CA TYR B 37 3.01 0.60 -6.30
C TYR B 37 2.30 1.71 -7.03
N MET B 38 0.97 1.63 -7.03
CA MET B 38 0.20 2.61 -7.82
C MET B 38 0.24 3.98 -7.17
N ALA B 39 0.24 4.04 -5.84
CA ALA B 39 0.38 5.30 -5.12
C ALA B 39 1.75 5.97 -5.23
N TYR B 40 2.85 5.23 -5.07
CA TYR B 40 4.15 5.86 -5.11
C TYR B 40 5.36 5.06 -5.65
N LYS B 41 5.30 3.75 -5.57
CA LYS B 41 6.47 2.96 -5.83
C LYS B 41 6.82 2.91 -7.30
N TYR B 42 5.85 3.15 -8.17
CA TYR B 42 6.20 3.29 -9.58
C TYR B 42 7.40 4.23 -9.83
N SER B 43 7.60 5.22 -8.95
CA SER B 43 8.66 6.16 -9.19
C SER B 43 10.00 5.70 -8.63
N ASP B 44 10.05 4.50 -8.00
CA ASP B 44 11.31 3.94 -7.51
C ASP B 44 12.31 3.68 -8.65
N THR B 45 11.91 3.70 -9.90
CA THR B 45 12.87 3.76 -11.04
C THR B 45 12.88 5.10 -11.71
N LYS B 46 13.95 5.41 -12.44
CA LYS B 46 14.06 6.68 -13.12
C LYS B 46 13.02 6.73 -14.26
N LYS B 47 12.40 7.88 -14.43
CA LYS B 47 11.41 8.13 -15.47
C LYS B 47 11.99 7.76 -16.80
N LEU B 48 11.16 7.12 -17.65
CA LEU B 48 11.50 6.97 -19.08
C LEU B 48 11.49 8.27 -19.85
N GLY B 49 10.63 9.17 -19.43
CA GLY B 49 10.47 10.49 -20.03
C GLY B 49 9.16 11.12 -19.57
N SER B 50 8.78 12.18 -20.24
CA SER B 50 7.54 12.90 -19.94
C SER B 50 7.05 13.76 -21.09
N VAL B 51 5.77 14.09 -21.03
CA VAL B 51 5.15 15.00 -21.93
C VAL B 51 4.39 15.98 -21.02
N SER B 52 4.30 17.24 -21.43
CA SER B 52 3.42 18.15 -20.72
C SER B 52 2.30 18.69 -21.57
N GLY B 53 1.41 19.44 -20.94
CA GLY B 53 0.35 20.12 -21.66
C GLY B 53 -0.78 19.24 -22.10
N GLN B 54 -0.97 18.09 -21.46
CA GLN B 54 -1.89 17.11 -21.94
C GLN B 54 -3.29 17.39 -21.40
N THR B 55 -4.23 17.55 -22.29
CA THR B 55 -5.60 17.71 -21.90
C THR B 55 -6.52 16.52 -22.21
N HIS B 56 -6.12 15.65 -23.13
CA HIS B 56 -6.88 14.43 -23.42
C HIS B 56 -6.38 13.30 -22.54
N LEU B 57 -7.17 12.88 -21.56
CA LEU B 57 -6.63 12.03 -20.49
C LEU B 57 -6.79 10.54 -20.67
N SER B 58 -7.61 10.16 -21.61
CA SER B 58 -7.99 8.78 -21.76
C SER B 58 -6.85 8.01 -22.38
N ILE B 59 -6.73 6.74 -22.03
CA ILE B 59 -5.70 5.88 -22.53
C ILE B 59 -6.32 4.83 -23.45
N TYR B 60 -5.70 4.66 -24.62
CA TYR B 60 -6.13 3.67 -25.57
C TYR B 60 -4.94 3.15 -26.34
N TYR B 61 -4.80 1.83 -26.38
CA TYR B 61 -3.73 1.21 -27.17
C TYR B 61 -4.16 -0.17 -27.54
N ASP B 62 -4.06 -0.41 -28.85
CA ASP B 62 -4.30 -1.69 -29.45
C ASP B 62 -3.07 -2.30 -29.99
N LEU B 63 -3.07 -3.64 -30.03
CA LEU B 63 -1.93 -4.39 -30.52
C LEU B 63 -2.50 -5.59 -31.28
N ASN B 64 -1.91 -5.98 -32.41
CA ASN B 64 -2.20 -7.27 -33.06
C ASN B 64 -2.21 -8.42 -32.08
N THR B 65 -3.24 -9.29 -32.17
CA THR B 65 -3.38 -10.42 -31.22
C THR B 65 -2.20 -11.39 -31.27
N ALA B 66 -1.55 -11.43 -32.42
CA ALA B 66 -0.37 -12.30 -32.54
C ALA B 66 0.83 -11.85 -31.73
N PHE B 67 0.80 -10.61 -31.26
CA PHE B 67 1.87 -10.01 -30.49
C PHE B 67 1.60 -9.90 -28.95
N TRP B 68 0.47 -10.42 -28.46
CA TRP B 68 0.01 -10.07 -27.07
C TRP B 68 0.88 -10.52 -25.91
N ASN B 69 1.77 -11.46 -26.19
CA ASN B 69 2.69 -11.84 -25.17
C ASN B 69 4.04 -11.15 -25.30
N THR B 70 4.11 -10.07 -26.08
CA THR B 70 5.38 -9.43 -26.35
C THR B 70 5.27 -7.88 -26.15
N ALA B 71 6.42 -7.28 -25.88
CA ALA B 71 6.57 -5.82 -25.85
C ALA B 71 6.56 -5.27 -27.23
N SER B 72 6.12 -4.01 -27.35
CA SER B 72 6.07 -3.36 -28.65
C SER B 72 6.26 -1.90 -28.46
N TRP B 73 7.12 -1.32 -29.30
CA TRP B 73 7.40 0.13 -29.30
C TRP B 73 6.28 0.84 -30.05
N SER B 74 5.87 1.98 -29.56
CA SER B 74 4.85 2.77 -30.22
C SER B 74 4.75 4.12 -29.50
N SER B 75 4.28 5.14 -30.25
CA SER B 75 3.98 6.48 -29.70
C SER B 75 2.52 6.74 -29.46
N ASP B 76 1.72 5.69 -29.38
CA ASP B 76 0.25 5.83 -29.28
C ASP B 76 -0.21 6.50 -27.98
N LEU B 77 0.54 6.35 -26.91
CA LEU B 77 0.17 7.08 -25.65
C LEU B 77 0.80 8.46 -25.57
N PHE B 78 -0.06 9.47 -25.74
CA PHE B 78 0.35 10.88 -25.64
C PHE B 78 1.49 11.31 -26.59
N GLY B 79 1.63 10.60 -27.71
CA GLY B 79 2.74 10.87 -28.65
C GLY B 79 4.13 10.60 -28.11
N PHE B 80 4.20 9.90 -26.97
CA PHE B 80 5.46 9.61 -26.30
C PHE B 80 5.97 8.20 -26.70
N TYR B 81 7.21 8.13 -27.20
CA TYR B 81 7.72 6.84 -27.72
C TYR B 81 8.13 5.93 -26.59
N THR B 82 7.41 4.83 -26.43
CA THR B 82 7.69 3.91 -25.35
C THR B 82 7.16 2.52 -25.73
N THR B 83 7.07 1.66 -24.73
CA THR B 83 6.45 0.34 -24.93
C THR B 83 5.06 0.34 -24.25
N PRO B 84 4.01 0.73 -24.97
CA PRO B 84 2.72 0.87 -24.30
C PRO B 84 2.14 -0.44 -23.82
N THR B 85 2.65 -1.58 -24.34
CA THR B 85 2.31 -2.91 -23.83
C THR B 85 2.61 -3.10 -22.33
N ASN B 86 3.59 -2.36 -21.81
CA ASN B 86 4.12 -2.55 -20.47
C ASN B 86 4.77 -1.28 -19.99
N VAL B 87 3.97 -0.50 -19.30
CA VAL B 87 4.36 0.83 -18.86
C VAL B 87 3.40 1.32 -17.71
N THR B 88 3.91 2.22 -16.89
CA THR B 88 3.12 2.92 -15.91
C THR B 88 3.15 4.42 -16.29
N VAL B 89 1.97 5.05 -16.26
CA VAL B 89 1.82 6.45 -16.68
C VAL B 89 1.35 7.21 -15.47
N GLU B 90 2.01 8.30 -15.10
CA GLU B 90 1.56 9.18 -14.02
C GLU B 90 1.15 10.52 -14.56
N MET B 91 -0.10 10.89 -14.35
CA MET B 91 -0.62 12.16 -14.82
C MET B 91 -0.89 13.02 -13.60
N THR B 92 -0.34 14.21 -13.59
CA THR B 92 -0.53 15.12 -12.47
C THR B 92 -0.95 16.48 -12.97
N GLY B 93 -1.73 17.13 -12.11
CA GLY B 93 -2.21 18.48 -12.39
C GLY B 93 -3.16 18.96 -11.36
N TYR B 94 -3.77 20.12 -11.63
CA TYR B 94 -4.80 20.70 -10.74
C TYR B 94 -6.10 20.76 -11.50
N PHE B 95 -7.17 20.26 -10.87
CA PHE B 95 -8.52 20.36 -11.35
C PHE B 95 -9.18 21.64 -10.84
N LEU B 96 -9.75 22.42 -11.80
CA LEU B 96 -10.42 23.67 -11.44
C LEU B 96 -11.93 23.55 -11.54
N PRO B 97 -12.61 23.34 -10.41
CA PRO B 97 -14.07 23.14 -10.49
C PRO B 97 -14.77 24.43 -10.87
N PRO B 98 -15.65 24.41 -11.87
CA PRO B 98 -16.38 25.66 -12.24
C PRO B 98 -17.51 26.00 -11.24
N GLN B 99 -17.96 25.01 -10.46
CA GLN B 99 -19.15 25.19 -9.60
C GLN B 99 -18.90 24.39 -8.33
N THR B 100 -19.34 24.93 -7.19
CA THR B 100 -19.28 24.19 -5.95
C THR B 100 -20.22 22.99 -6.03
N GLY B 101 -19.73 21.84 -5.56
CA GLY B 101 -20.58 20.67 -5.51
C GLY B 101 -19.82 19.36 -5.64
N SER B 102 -20.59 18.29 -5.81
CA SER B 102 -20.06 16.94 -5.91
C SER B 102 -19.73 16.62 -7.37
N TYR B 103 -18.48 16.22 -7.60
CA TYR B 103 -17.96 15.80 -8.91
C TYR B 103 -17.81 14.31 -8.86
N THR B 104 -18.32 13.63 -9.88
CA THR B 104 -18.24 12.19 -9.97
C THR B 104 -17.30 11.81 -11.14
N PHE B 105 -16.10 11.41 -10.73
CA PHE B 105 -15.07 10.88 -11.66
C PHE B 105 -15.36 9.42 -11.97
N LYS B 106 -15.03 9.01 -13.17
CA LYS B 106 -15.37 7.69 -13.66
C LYS B 106 -14.25 7.15 -14.56
N PHE B 107 -13.86 5.90 -14.29
CA PHE B 107 -13.14 5.07 -15.29
C PHE B 107 -14.16 4.09 -15.91
N ALA B 108 -14.52 4.29 -17.18
CA ALA B 108 -15.59 3.44 -17.76
C ALA B 108 -15.18 1.94 -17.85
N THR B 109 -13.89 1.71 -18.02
CA THR B 109 -13.30 0.38 -17.87
C THR B 109 -11.85 0.62 -17.53
N VAL B 110 -11.14 -0.45 -17.24
CA VAL B 110 -9.71 -0.37 -16.91
C VAL B 110 -8.99 -1.65 -17.34
N ASP B 111 -7.84 -1.44 -17.99
CA ASP B 111 -6.98 -2.53 -18.39
C ASP B 111 -5.56 -1.89 -18.44
N ASP B 112 -4.71 -2.15 -17.45
CA ASP B 112 -4.85 -3.17 -16.37
C ASP B 112 -5.21 -2.62 -15.01
N SER B 113 -4.65 -1.47 -14.64
CA SER B 113 -5.08 -0.83 -13.39
C SER B 113 -4.92 0.66 -13.45
N ALA B 114 -5.65 1.33 -12.56
CA ALA B 114 -5.47 2.74 -12.42
C ALA B 114 -6.06 3.24 -11.09
N ILE B 115 -5.49 4.32 -10.63
CA ILE B 115 -6.02 4.99 -9.48
C ILE B 115 -6.21 6.46 -9.82
N LEU B 116 -7.18 7.08 -9.12
CA LEU B 116 -7.32 8.53 -9.14
C LEU B 116 -7.26 8.97 -7.69
N SER B 117 -6.38 9.91 -7.41
CA SER B 117 -6.19 10.53 -6.09
C SER B 117 -6.49 12.03 -6.26
N VAL B 118 -7.22 12.57 -5.28
CA VAL B 118 -7.64 13.99 -5.26
C VAL B 118 -7.37 14.69 -3.92
N GLY B 119 -6.75 15.85 -3.98
CA GLY B 119 -6.64 16.73 -2.86
C GLY B 119 -5.23 17.01 -2.48
N GLY B 120 -5.03 18.17 -1.88
CA GLY B 120 -3.73 18.50 -1.31
C GLY B 120 -3.40 17.46 -0.24
N SER B 121 -2.15 17.05 -0.21
CA SER B 121 -1.62 16.01 0.73
C SER B 121 -2.12 14.61 0.43
N ILE B 122 -2.82 14.44 -0.70
CA ILE B 122 -3.30 13.12 -1.14
C ILE B 122 -2.73 12.90 -2.53
N ALA B 123 -3.13 13.72 -3.50
CA ALA B 123 -2.52 13.62 -4.83
C ALA B 123 -1.05 14.04 -4.83
N PHE B 124 -0.78 15.21 -4.26
CA PHE B 124 0.52 15.79 -4.09
C PHE B 124 0.31 17.02 -3.19
N GLU B 125 1.40 17.71 -2.83
CA GLU B 125 1.32 18.84 -1.95
C GLU B 125 1.11 20.09 -2.74
N CYS B 126 0.34 21.02 -2.16
CA CYS B 126 0.11 22.31 -2.84
C CYS B 126 1.37 23.02 -3.28
N CYS B 127 1.35 23.55 -4.50
CA CYS B 127 2.48 24.30 -5.10
C CYS B 127 3.74 23.42 -5.25
N ALA B 128 3.54 22.12 -5.28
CA ALA B 128 4.66 21.17 -5.26
C ALA B 128 4.39 20.03 -6.24
N GLN B 129 3.78 20.35 -7.38
CA GLN B 129 3.37 19.36 -8.34
C GLN B 129 4.54 18.50 -8.87
N GLU B 130 5.73 19.08 -8.94
CA GLU B 130 6.87 18.43 -9.59
C GLU B 130 7.75 17.59 -8.66
N GLN B 131 7.36 17.51 -7.39
CA GLN B 131 8.10 16.82 -6.37
C GLN B 131 7.90 15.31 -6.51
N PRO B 132 8.71 14.50 -5.84
CA PRO B 132 8.44 13.03 -5.95
C PRO B 132 7.10 12.70 -5.34
N PRO B 133 6.46 11.60 -5.81
CA PRO B 133 5.17 11.14 -5.26
C PRO B 133 5.10 11.06 -3.75
N ILE B 134 3.98 11.51 -3.21
CA ILE B 134 3.73 11.30 -1.81
C ILE B 134 3.06 9.95 -1.58
N THR B 135 3.02 9.57 -0.31
CA THR B 135 2.80 8.19 0.17
C THR B 135 1.36 7.73 0.32
N SER B 136 0.42 8.60 0.05
CA SER B 136 -1.01 8.32 0.32
C SER B 136 -1.64 7.23 -0.58
N THR B 137 -2.34 6.30 0.02
CA THR B 137 -3.11 5.32 -0.72
C THR B 137 -4.61 5.61 -0.60
N ASP B 138 -4.94 6.87 -0.31
CA ASP B 138 -6.34 7.31 -0.13
C ASP B 138 -6.97 7.68 -1.46
N PHE B 139 -7.24 6.65 -2.24
CA PHE B 139 -7.71 6.80 -3.62
C PHE B 139 -9.19 7.17 -3.70
N THR B 140 -9.54 8.00 -4.67
CA THR B 140 -10.95 8.27 -5.00
C THR B 140 -11.53 7.18 -5.94
N ILE B 141 -10.73 6.68 -6.86
CA ILE B 141 -11.03 5.51 -7.68
C ILE B 141 -9.79 4.57 -7.63
N ASN B 142 -10.07 3.28 -7.49
CA ASN B 142 -9.04 2.25 -7.51
C ASN B 142 -9.62 1.18 -8.39
N GLY B 143 -9.20 1.13 -9.65
CA GLY B 143 -9.71 0.15 -10.63
C GLY B 143 -8.68 -0.91 -11.00
N ILE B 144 -9.07 -2.15 -10.86
CA ILE B 144 -8.11 -3.27 -11.08
C ILE B 144 -8.78 -4.31 -11.96
N LYS B 145 -8.19 -4.61 -13.09
CA LYS B 145 -8.65 -5.68 -13.95
C LYS B 145 -8.05 -6.96 -13.41
N PRO B 146 -8.90 -7.90 -12.99
CA PRO B 146 -8.30 -9.16 -12.58
C PRO B 146 -7.48 -9.85 -13.68
N TRP B 147 -6.34 -10.45 -13.34
CA TRP B 147 -5.53 -11.12 -14.37
C TRP B 147 -6.32 -12.15 -15.22
N GLY B 148 -6.49 -11.84 -16.50
CA GLY B 148 -7.12 -12.69 -17.52
C GLY B 148 -8.64 -12.76 -17.42
N ALA B 149 -9.27 -11.84 -16.68
CA ALA B 149 -10.73 -11.80 -16.56
C ALA B 149 -11.21 -10.39 -16.81
N ALA B 150 -12.51 -10.30 -17.02
CA ALA B 150 -13.16 -9.02 -17.33
C ALA B 150 -12.93 -7.93 -16.27
N ALA B 151 -12.65 -6.70 -16.68
CA ALA B 151 -12.53 -5.57 -15.71
C ALA B 151 -13.86 -5.13 -15.18
N PRO B 152 -13.88 -4.48 -13.98
CA PRO B 152 -15.11 -3.83 -13.57
C PRO B 152 -15.35 -2.64 -14.53
N THR B 153 -16.60 -2.20 -14.57
CA THR B 153 -17.05 -1.15 -15.45
C THR B 153 -17.68 -0.02 -14.62
N ASP B 154 -17.67 1.18 -15.22
CA ASP B 154 -18.22 2.41 -14.63
C ASP B 154 -17.88 2.51 -13.17
N ILE B 155 -16.58 2.56 -12.97
CA ILE B 155 -15.97 2.66 -11.68
C ILE B 155 -15.85 4.13 -11.33
N LYS B 156 -16.63 4.47 -10.30
CA LYS B 156 -16.90 5.83 -9.96
C LYS B 156 -16.33 6.17 -8.60
N GLY B 157 -16.07 7.47 -8.46
CA GLY B 157 -15.69 8.06 -7.19
C GLY B 157 -16.01 9.52 -7.20
N SER B 158 -16.54 9.99 -6.06
CA SER B 158 -17.00 11.34 -5.91
C SER B 158 -16.11 12.11 -4.98
N THR B 159 -15.98 13.40 -5.25
CA THR B 159 -15.26 14.37 -4.40
C THR B 159 -16.06 15.67 -4.41
N TYR B 160 -16.11 16.30 -3.25
CA TYR B 160 -16.77 17.56 -3.07
C TYR B 160 -15.75 18.71 -3.19
N MET B 161 -16.04 19.62 -4.08
CA MET B 161 -15.09 20.62 -4.45
C MET B 161 -15.77 21.99 -4.46
N TYR B 162 -15.01 23.02 -4.13
CA TYR B 162 -15.50 24.40 -4.07
C TYR B 162 -14.96 25.20 -5.23
N ALA B 163 -15.84 25.94 -5.89
CA ALA B 163 -15.50 26.73 -7.08
C ALA B 163 -14.31 27.64 -6.78
N GLY B 164 -13.43 27.83 -7.76
CA GLY B 164 -12.40 28.89 -7.64
C GLY B 164 -11.17 28.43 -6.90
N TYR B 165 -11.13 27.19 -6.42
CA TYR B 165 -9.93 26.63 -5.78
C TYR B 165 -9.38 25.57 -6.74
N TYR B 166 -8.09 25.32 -6.65
CA TYR B 166 -7.43 24.27 -7.47
C TYR B 166 -7.23 23.05 -6.60
N TYR B 167 -7.60 21.92 -7.17
CA TYR B 167 -7.52 20.63 -6.45
C TYR B 167 -6.49 19.74 -7.12
N PRO B 168 -5.40 19.45 -6.41
CA PRO B 168 -4.48 18.45 -6.91
C PRO B 168 -5.13 17.14 -7.27
N ILE B 169 -4.82 16.69 -8.48
CA ILE B 169 -5.25 15.39 -8.97
C ILE B 169 -4.08 14.59 -9.54
N LYS B 170 -4.13 13.26 -9.36
CA LYS B 170 -3.12 12.36 -9.88
C LYS B 170 -3.85 11.11 -10.35
N ILE B 171 -3.54 10.73 -11.58
CA ILE B 171 -3.98 9.47 -12.09
C ILE B 171 -2.75 8.65 -12.33
N VAL B 172 -2.72 7.40 -11.82
CA VAL B 172 -1.59 6.49 -12.14
C VAL B 172 -2.19 5.27 -12.78
N TYR B 173 -1.68 4.93 -13.96
CA TYR B 173 -2.25 3.94 -14.88
C TYR B 173 -1.10 2.94 -15.25
N SER B 174 -1.40 1.64 -15.28
CA SER B 174 -0.46 0.64 -15.69
C SER B 174 -1.05 -0.32 -16.70
N ASN B 175 -0.24 -0.60 -17.72
CA ASN B 175 -0.49 -1.70 -18.63
C ASN B 175 0.57 -2.75 -18.36
N ALA B 176 0.12 -3.98 -18.16
CA ALA B 176 1.05 -5.14 -17.92
C ALA B 176 1.29 -5.95 -19.13
N LYS B 177 0.40 -5.87 -20.11
CA LYS B 177 0.58 -6.56 -21.44
C LYS B 177 -0.56 -6.18 -22.37
N ALA B 178 -0.28 -6.25 -23.64
CA ALA B 178 -1.30 -6.20 -24.69
C ALA B 178 -2.09 -4.86 -24.62
N LEU B 179 -3.42 -4.95 -24.56
CA LEU B 179 -4.23 -3.77 -24.73
C LEU B 179 -4.17 -2.85 -23.49
N ALA B 180 -4.31 -1.57 -23.76
CA ALA B 180 -4.44 -0.57 -22.72
C ALA B 180 -5.78 0.15 -22.90
N ARG B 181 -6.47 0.35 -21.79
CA ARG B 181 -7.76 1.06 -21.72
C ARG B 181 -7.91 1.83 -20.37
N LEU B 182 -8.10 3.14 -20.51
CA LEU B 182 -8.56 3.94 -19.39
C LEU B 182 -9.31 5.16 -19.90
N PRO B 183 -10.60 5.01 -20.15
CA PRO B 183 -11.48 6.15 -20.52
C PRO B 183 -11.82 6.92 -19.25
N VAL B 184 -11.42 8.18 -19.25
CA VAL B 184 -11.51 9.03 -18.07
C VAL B 184 -12.58 10.08 -18.32
N SER B 185 -13.44 10.30 -17.32
CA SER B 185 -14.54 11.24 -17.43
C SER B 185 -14.96 11.79 -16.06
N VAL B 186 -15.69 12.89 -16.08
CA VAL B 186 -16.26 13.40 -14.85
C VAL B 186 -17.63 13.95 -15.17
N VAL B 187 -18.54 13.83 -14.21
CA VAL B 187 -19.84 14.47 -14.28
C VAL B 187 -19.82 15.59 -13.25
N LEU B 188 -20.01 16.81 -13.72
CA LEU B 188 -19.94 18.04 -12.91
C LEU B 188 -21.26 18.20 -12.09
N PRO B 189 -21.26 19.07 -11.07
CA PRO B 189 -22.47 19.24 -10.26
C PRO B 189 -23.75 19.54 -11.05
N ASP B 190 -23.63 20.30 -12.14
CA ASP B 190 -24.77 20.60 -13.02
C ASP B 190 -25.13 19.48 -14.01
N GLY B 191 -24.40 18.37 -14.00
CA GLY B 191 -24.78 17.19 -14.81
C GLY B 191 -24.08 17.09 -16.14
N THR B 192 -23.32 18.13 -16.49
CA THR B 192 -22.47 18.10 -17.68
C THR B 192 -21.49 16.94 -17.57
N GLU B 193 -21.30 16.19 -18.65
CA GLU B 193 -20.31 15.09 -18.66
C GLU B 193 -19.12 15.54 -19.47
N VAL B 194 -17.94 15.46 -18.89
CA VAL B 194 -16.69 15.75 -19.60
C VAL B 194 -16.05 14.41 -19.80
N ASN B 195 -15.74 14.10 -21.05
CA ASN B 195 -15.18 12.80 -21.33
C ASN B 195 -13.89 12.97 -22.09
N ASP B 196 -12.80 12.44 -21.56
CA ASP B 196 -11.46 12.42 -22.20
C ASP B 196 -10.77 13.80 -22.25
N ASP B 197 -11.37 14.76 -22.98
CA ASP B 197 -10.80 16.13 -23.06
C ASP B 197 -11.19 16.99 -21.91
N PHE B 198 -10.20 17.28 -21.03
CA PHE B 198 -10.45 18.03 -19.79
C PHE B 198 -9.96 19.46 -20.01
N GLU B 199 -9.83 19.90 -21.27
CA GLU B 199 -9.30 21.24 -21.49
C GLU B 199 -10.19 22.27 -20.82
N GLY B 200 -9.59 23.24 -20.13
CA GLY B 200 -10.39 24.17 -19.33
C GLY B 200 -10.71 23.75 -17.90
N TYR B 201 -10.41 22.48 -17.58
CA TYR B 201 -10.60 21.96 -16.27
C TYR B 201 -9.30 21.58 -15.54
N VAL B 202 -8.26 21.29 -16.28
CA VAL B 202 -6.99 20.85 -15.68
C VAL B 202 -5.82 21.68 -16.14
N TYR B 203 -4.95 21.96 -15.16
CA TYR B 203 -3.85 22.89 -15.32
C TYR B 203 -2.69 22.35 -14.55
N SER B 204 -1.53 22.92 -14.81
CA SER B 204 -0.29 22.62 -14.07
C SER B 204 0.35 23.93 -13.68
N PHE B 205 1.15 23.89 -12.63
CA PHE B 205 2.00 25.00 -12.17
C PHE B 205 3.35 24.47 -11.80
N ASP B 206 4.39 25.11 -12.28
CA ASP B 206 5.75 24.81 -11.79
C ASP B 206 5.79 24.98 -10.27
N ASP B 207 6.60 24.17 -9.62
CA ASP B 207 6.78 24.22 -8.17
C ASP B 207 7.12 25.67 -7.76
N ASP B 208 6.43 26.08 -6.73
CA ASP B 208 6.81 27.29 -6.01
C ASP B 208 6.62 27.08 -4.50
N LEU B 209 7.66 26.55 -3.90
CA LEU B 209 7.66 26.24 -2.47
C LEU B 209 7.82 27.52 -1.61
N SER B 210 7.96 28.67 -2.28
CA SER B 210 8.05 29.96 -1.62
C SER B 210 6.79 30.75 -1.56
N GLN B 211 5.73 30.31 -2.24
CA GLN B 211 4.47 31.01 -2.24
C GLN B 211 3.73 30.96 -0.91
N SER B 212 3.31 32.09 -0.35
CA SER B 212 2.45 32.01 0.81
C SER B 212 0.99 31.84 0.40
N ASN B 213 0.18 31.40 1.31
CA ASN B 213 -1.22 31.21 1.05
C ASN B 213 -1.50 30.19 -0.02
N CYS B 214 -0.61 29.21 -0.28
CA CYS B 214 -0.88 28.24 -1.33
C CYS B 214 -1.79 27.14 -0.88
N THR B 215 -1.75 26.79 0.38
CA THR B 215 -2.54 25.69 0.89
C THR B 215 -3.78 26.18 1.60
N ILE B 216 -4.93 25.63 1.23
CA ILE B 216 -6.25 25.95 1.81
C ILE B 216 -6.80 24.68 2.47
N PRO B 217 -6.44 24.48 3.74
CA PRO B 217 -6.84 23.31 4.54
C PRO B 217 -8.35 23.04 4.44
N ASP B 218 -9.13 24.12 4.42
CA ASP B 218 -10.59 24.03 4.37
C ASP B 218 -11.17 25.13 3.47
N PRO B 219 -11.42 24.80 2.21
CA PRO B 219 -11.97 25.77 1.25
C PRO B 219 -13.32 26.31 1.71
N SER B 220 -14.12 25.46 2.35
CA SER B 220 -15.43 25.87 2.83
C SER B 220 -15.37 27.22 3.54
C1 MAN C . -13.66 -9.14 0.00
C2 MAN C . -13.07 -10.22 0.94
C3 MAN C . -12.35 -9.55 2.08
C4 MAN C . -11.36 -8.49 1.60
C5 MAN C . -12.02 -7.50 0.64
C6 MAN C . -11.14 -6.34 0.10
O1 MAN C . -14.78 -8.58 0.68
O2 MAN C . -12.17 -11.05 0.32
O3 MAN C . -11.71 -10.49 2.93
O4 MAN C . -10.88 -7.85 2.71
O5 MAN C . -12.63 -8.22 -0.43
O6 MAN C . -10.08 -6.88 -0.68
C1 MAN C . -12.95 -12.00 -0.44
C2 MAN C . -12.07 -13.12 -0.87
C3 MAN C . -10.97 -12.51 -1.76
C4 MAN C . -11.53 -11.68 -2.94
C5 MAN C . -12.63 -10.73 -2.43
C6 MAN C . -13.44 -9.99 -3.51
O2 MAN C . -12.93 -13.93 -1.62
O3 MAN C . -10.20 -13.58 -2.23
O4 MAN C . -10.56 -10.89 -3.63
O5 MAN C . -13.53 -11.46 -1.61
O6 MAN C . -13.95 -10.92 -4.43
C1 MAN D . -5.57 -10.12 -21.72
C2 MAN D . -5.86 -8.71 -22.21
C3 MAN D . -4.81 -7.73 -21.68
C4 MAN D . -4.63 -7.90 -20.17
C5 MAN D . -4.43 -9.35 -19.80
C6 MAN D . -4.33 -9.53 -18.29
O1 MAN D . -4.32 -10.58 -22.24
O2 MAN D . -7.15 -8.29 -21.78
O3 MAN D . -5.22 -6.39 -21.97
O4 MAN D . -3.50 -7.13 -19.75
O5 MAN D . -5.52 -10.13 -20.29
O6 MAN D . -5.62 -9.31 -17.70
C1 MAN D . -7.89 -7.83 -22.93
C2 MAN D . -9.18 -7.16 -22.46
C3 MAN D . -10.13 -8.18 -21.85
C4 MAN D . -10.30 -9.39 -22.75
C5 MAN D . -8.94 -9.93 -23.20
C6 MAN D . -9.11 -11.09 -24.18
O2 MAN D . -9.82 -6.53 -23.58
O3 MAN D . -11.40 -7.57 -21.63
O4 MAN D . -11.01 -10.42 -22.06
O5 MAN D . -8.20 -8.88 -23.83
O6 MAN D . -9.79 -10.64 -25.35
CA CA E . -10.46 -9.27 4.77
CA CA F . -3.36 -4.82 -20.71
#